data_105D
#
_entry.id   105D
#
_cell.length_a   1.000
_cell.length_b   1.000
_cell.length_c   1.000
_cell.angle_alpha   90.00
_cell.angle_beta   90.00
_cell.angle_gamma   90.00
#
_symmetry.space_group_name_H-M   'P 1'
#
_entity_poly.entity_id   1
_entity_poly.type   'polydeoxyribonucleotide'
_entity_poly.pdbx_seq_one_letter_code
;(DT)(DC)(DC)
;
_entity_poly.pdbx_strand_id   A,B,C,D
#